data_6X5Q
#
_entry.id   6X5Q
#
_cell.length_a   42.629
_cell.length_b   57.456
_cell.length_c   107.707
_cell.angle_alpha   90.000
_cell.angle_beta   90.000
_cell.angle_gamma   90.000
#
_symmetry.space_group_name_H-M   'P 21 21 21'
#
loop_
_entity.id
_entity.type
_entity.pdbx_description
1 polymer 'Calcium/calmodulin-dependent protein kinase type II subunit alpha'
2 polymer 'Glutamate receptor 1'
3 non-polymer GLYCEROL
4 water water
#
loop_
_entity_poly.entity_id
_entity_poly.type
_entity_poly.pdbx_seq_one_letter_code
_entity_poly.pdbx_strand_id
1 'polypeptide(L)'
;TRFTEEYQLFEELGKGAFSVVRRCVKVLAGQEYAAKIINTKKLSARDHQKLEREARICRLLKHPNIVRLHDSISEEGHHY
LIFDLVTGGELFEDIVAREYYSEADASHCIQQILEAVLHCHQMGVVHRNLKPENLLLASKLKGAAVKLADFGLAIEVEGE
QQAWFGFAGTPGYLSPEVLRKDPYGKPVDLWACGVILYILLVGYPPFWDEDQHRLYKQIKAGAYDFPSPEWDTVTPEAKD
LINKMLTINPSKRITAAEALKHPWISHR
;
A
2 'polypeptide(L)' SKRMKGFCLIPQQSINEAIR B
#
# COMPACT_ATOMS: atom_id res chain seq x y z
N ARG A 2 0.82 -17.18 -28.44
CA ARG A 2 -0.22 -16.15 -28.14
C ARG A 2 -0.57 -16.21 -26.66
N PHE A 3 -0.90 -15.07 -26.04
CA PHE A 3 -1.44 -15.00 -24.65
C PHE A 3 -2.59 -16.00 -24.54
N THR A 4 -3.51 -16.00 -25.52
CA THR A 4 -4.75 -16.83 -25.50
C THR A 4 -4.42 -18.30 -25.78
N GLU A 5 -3.21 -18.61 -26.25
CA GLU A 5 -2.74 -20.02 -26.41
C GLU A 5 -2.61 -20.70 -25.03
N GLU A 6 -2.16 -19.97 -24.00
CA GLU A 6 -1.77 -20.53 -22.68
C GLU A 6 -2.79 -20.22 -21.59
N TYR A 7 -3.52 -19.10 -21.71
CA TYR A 7 -4.49 -18.59 -20.71
C TYR A 7 -5.88 -18.44 -21.31
N GLN A 8 -6.91 -18.87 -20.59
CA GLN A 8 -8.35 -18.62 -20.87
C GLN A 8 -8.84 -17.50 -19.94
N LEU A 9 -9.47 -16.48 -20.49
CA LEU A 9 -10.07 -15.35 -19.74
C LEU A 9 -11.49 -15.71 -19.30
N PHE A 10 -11.87 -15.35 -18.07
CA PHE A 10 -13.26 -15.46 -17.56
C PHE A 10 -13.69 -14.06 -17.14
N GLU A 11 -14.37 -13.91 -16.01
CA GLU A 11 -15.07 -12.63 -15.66
C GLU A 11 -14.06 -11.54 -15.28
N GLU A 12 -14.44 -10.29 -15.54
CA GLU A 12 -13.84 -9.06 -14.98
C GLU A 12 -13.94 -9.11 -13.44
N LEU A 13 -12.85 -8.78 -12.76
CA LEU A 13 -12.76 -8.70 -11.29
C LEU A 13 -12.63 -7.24 -10.88
N GLY A 14 -12.10 -6.38 -11.75
CA GLY A 14 -11.79 -4.98 -11.45
C GLY A 14 -11.56 -4.18 -12.71
N LYS A 15 -11.52 -2.85 -12.58
CA LYS A 15 -11.55 -1.88 -13.69
C LYS A 15 -10.67 -0.69 -13.31
N GLY A 16 -9.68 -0.39 -14.16
CA GLY A 16 -8.75 0.76 -14.03
C GLY A 16 -8.86 1.66 -15.23
N ALA A 17 -8.08 2.75 -15.26
CA ALA A 17 -7.96 3.63 -16.43
C ALA A 17 -7.14 2.88 -17.49
N PHE A 18 -7.71 2.68 -18.69
CA PHE A 18 -7.03 1.96 -19.80
C PHE A 18 -6.56 0.58 -19.34
N SER A 19 -7.18 -0.02 -18.30
CA SER A 19 -6.89 -1.40 -17.82
C SER A 19 -8.13 -2.06 -17.19
N VAL A 20 -8.19 -3.38 -17.34
CA VAL A 20 -9.17 -4.27 -16.65
C VAL A 20 -8.38 -5.37 -15.95
N VAL A 21 -8.96 -5.98 -14.92
CA VAL A 21 -8.47 -7.25 -14.30
C VAL A 21 -9.57 -8.31 -14.49
N ARG A 22 -9.21 -9.46 -15.06
CA ARG A 22 -10.10 -10.64 -15.28
C ARG A 22 -9.43 -11.89 -14.71
N ARG A 23 -10.23 -12.75 -14.06
CA ARG A 23 -9.84 -14.12 -13.66
C ARG A 23 -9.39 -14.83 -14.95
N CYS A 24 -8.31 -15.60 -14.86
CA CYS A 24 -7.83 -16.44 -15.98
C CYS A 24 -7.31 -17.76 -15.43
N VAL A 25 -7.31 -18.79 -16.28
CA VAL A 25 -6.68 -20.11 -15.99
C VAL A 25 -5.55 -20.35 -16.98
N LYS A 26 -4.38 -20.72 -16.46
CA LYS A 26 -3.29 -21.26 -17.31
C LYS A 26 -3.71 -22.69 -17.68
N VAL A 27 -4.08 -22.88 -18.94
CA VAL A 27 -4.72 -24.10 -19.51
C VAL A 27 -3.98 -25.36 -19.07
N LEU A 28 -2.72 -25.51 -19.46
CA LEU A 28 -1.92 -26.73 -19.21
C LEU A 28 -1.88 -27.03 -17.70
N ALA A 29 -1.54 -26.04 -16.87
CA ALA A 29 -1.51 -26.12 -15.39
C ALA A 29 -2.91 -26.34 -14.79
N GLY A 30 -3.96 -25.71 -15.32
CA GLY A 30 -5.26 -25.59 -14.64
C GLY A 30 -5.24 -24.58 -13.49
N GLN A 31 -4.15 -23.82 -13.32
CA GLN A 31 -3.99 -22.83 -12.22
C GLN A 31 -4.70 -21.52 -12.58
N GLU A 32 -5.33 -20.91 -11.57
CA GLU A 32 -6.08 -19.62 -11.67
C GLU A 32 -5.17 -18.44 -11.36
N TYR A 33 -5.33 -17.36 -12.09
CA TYR A 33 -4.59 -16.11 -11.84
C TYR A 33 -5.50 -14.93 -12.07
N ALA A 34 -5.06 -13.75 -11.65
CA ALA A 34 -5.66 -12.45 -12.00
C ALA A 34 -4.83 -11.92 -13.16
N ALA A 35 -5.47 -11.65 -14.30
CA ALA A 35 -4.79 -11.04 -15.47
C ALA A 35 -5.15 -9.56 -15.52
N LYS A 36 -4.19 -8.69 -15.24
CA LYS A 36 -4.35 -7.25 -15.51
C LYS A 36 -4.09 -7.04 -17.00
N ILE A 37 -5.11 -6.60 -17.73
CA ILE A 37 -5.02 -6.36 -19.20
C ILE A 37 -4.95 -4.85 -19.42
N ILE A 38 -3.81 -4.35 -19.92
CA ILE A 38 -3.61 -2.89 -20.16
C ILE A 38 -3.71 -2.64 -21.66
N ASN A 39 -4.48 -1.62 -22.04
CA ASN A 39 -4.58 -1.13 -23.44
C ASN A 39 -3.40 -0.18 -23.66
N THR A 40 -2.34 -0.72 -24.23
CA THR A 40 -1.08 0.01 -24.53
C THR A 40 -1.26 0.94 -25.74
N LYS A 41 -2.33 0.79 -26.52
CA LYS A 41 -2.72 1.78 -27.58
C LYS A 41 -2.93 3.16 -26.92
N LYS A 42 -3.39 3.21 -25.67
CA LYS A 42 -3.67 4.48 -24.96
C LYS A 42 -2.42 5.01 -24.24
N LEU A 43 -1.24 4.39 -24.39
CA LEU A 43 -0.01 4.81 -23.65
C LEU A 43 1.09 5.25 -24.61
N SER A 44 1.74 6.38 -24.36
CA SER A 44 2.99 6.78 -25.03
C SER A 44 4.07 5.74 -24.73
N ALA A 45 5.18 5.83 -25.45
CA ALA A 45 6.41 5.03 -25.22
C ALA A 45 6.82 5.16 -23.75
N ARG A 46 6.93 6.39 -23.23
CA ARG A 46 7.32 6.70 -21.83
C ARG A 46 6.47 5.88 -20.85
N ASP A 47 5.15 5.78 -21.11
CA ASP A 47 4.20 5.16 -20.16
C ASP A 47 4.19 3.65 -20.38
N HIS A 48 4.43 3.16 -21.62
CA HIS A 48 4.76 1.73 -21.87
C HIS A 48 5.93 1.33 -20.97
N GLN A 49 7.00 2.14 -20.97
CA GLN A 49 8.27 1.86 -20.25
C GLN A 49 8.05 1.89 -18.72
N LYS A 50 7.20 2.79 -18.22
CA LYS A 50 6.78 2.81 -16.80
C LYS A 50 6.12 1.48 -16.44
N LEU A 51 5.27 0.97 -17.31
CA LEU A 51 4.59 -0.33 -17.12
C LEU A 51 5.64 -1.46 -17.08
N GLU A 52 6.59 -1.48 -18.01
CA GLU A 52 7.67 -2.51 -18.04
C GLU A 52 8.55 -2.37 -16.78
N ARG A 53 8.70 -1.16 -16.24
CA ARG A 53 9.50 -0.95 -14.99
C ARG A 53 8.74 -1.56 -13.81
N GLU A 54 7.43 -1.31 -13.71
CA GLU A 54 6.58 -1.87 -12.63
C GLU A 54 6.71 -3.40 -12.66
N ALA A 55 6.57 -4.02 -13.83
CA ALA A 55 6.68 -5.48 -14.02
C ALA A 55 8.03 -5.98 -13.50
N ARG A 56 9.13 -5.35 -13.92
CA ARG A 56 10.51 -5.69 -13.51
C ARG A 56 10.66 -5.64 -11.99
N ILE A 57 10.12 -4.59 -11.35
CA ILE A 57 10.19 -4.47 -9.86
C ILE A 57 9.33 -5.57 -9.22
N CYS A 58 8.13 -5.81 -9.74
CA CYS A 58 7.32 -6.95 -9.25
C CYS A 58 8.13 -8.25 -9.32
N ARG A 59 8.87 -8.47 -10.41
CA ARG A 59 9.65 -9.72 -10.65
C ARG A 59 10.75 -9.88 -9.59
N LEU A 60 11.34 -8.78 -9.10
CA LEU A 60 12.37 -8.77 -8.03
C LEU A 60 11.79 -9.28 -6.70
N LEU A 61 10.48 -9.23 -6.48
CA LEU A 61 9.89 -9.38 -5.10
C LEU A 61 9.12 -10.71 -5.00
N LYS A 62 9.58 -11.61 -4.14
CA LYS A 62 8.96 -12.95 -3.90
C LYS A 62 8.74 -13.12 -2.39
N HIS A 63 7.51 -13.02 -1.94
CA HIS A 63 7.21 -12.84 -0.51
C HIS A 63 5.74 -13.12 -0.30
N PRO A 64 5.37 -13.79 0.80
CA PRO A 64 3.97 -14.17 1.01
C PRO A 64 3.04 -12.96 1.17
N ASN A 65 3.57 -11.78 1.49
CA ASN A 65 2.74 -10.58 1.72
C ASN A 65 3.00 -9.54 0.63
N ILE A 66 3.46 -10.00 -0.54
CA ILE A 66 3.56 -9.19 -1.79
C ILE A 66 2.87 -9.97 -2.92
N VAL A 67 1.92 -9.33 -3.60
CA VAL A 67 1.22 -9.92 -4.77
C VAL A 67 2.29 -10.29 -5.79
N ARG A 68 2.34 -11.58 -6.14
CA ARG A 68 3.38 -12.18 -7.00
C ARG A 68 2.98 -12.00 -8.46
N LEU A 69 3.83 -11.37 -9.26
CA LEU A 69 3.71 -11.36 -10.75
C LEU A 69 4.36 -12.63 -11.29
N HIS A 70 3.60 -13.48 -12.00
CA HIS A 70 4.06 -14.79 -12.53
C HIS A 70 4.44 -14.67 -14.00
N ASP A 71 3.92 -13.68 -14.70
CA ASP A 71 4.24 -13.47 -16.13
C ASP A 71 3.82 -12.06 -16.58
N SER A 72 4.48 -11.61 -17.63
CA SER A 72 4.41 -10.26 -18.23
C SER A 72 4.46 -10.47 -19.76
N ILE A 73 3.35 -10.29 -20.47
CA ILE A 73 3.28 -10.56 -21.93
C ILE A 73 2.82 -9.31 -22.67
N SER A 74 3.59 -8.93 -23.69
CA SER A 74 3.34 -7.78 -24.60
C SER A 74 2.81 -8.31 -25.94
N GLU A 75 1.57 -7.94 -26.31
CA GLU A 75 0.94 -8.24 -27.63
C GLU A 75 0.52 -6.94 -28.29
N GLU A 76 0.10 -7.00 -29.56
CA GLU A 76 -0.32 -5.81 -30.35
C GLU A 76 -1.50 -5.13 -29.64
N GLY A 77 -1.23 -3.98 -29.02
CA GLY A 77 -2.22 -3.08 -28.39
C GLY A 77 -2.55 -3.46 -26.93
N HIS A 78 -2.01 -4.59 -26.42
CA HIS A 78 -2.39 -5.17 -25.10
C HIS A 78 -1.16 -5.69 -24.37
N HIS A 79 -1.03 -5.30 -23.09
CA HIS A 79 -0.04 -5.91 -22.18
C HIS A 79 -0.81 -6.68 -21.13
N TYR A 80 -0.34 -7.87 -20.78
CA TYR A 80 -0.96 -8.78 -19.80
C TYR A 80 0.03 -9.04 -18.66
N LEU A 81 -0.39 -8.71 -17.43
CA LEU A 81 0.34 -8.99 -16.18
C LEU A 81 -0.40 -10.09 -15.41
N ILE A 82 0.21 -11.26 -15.29
CA ILE A 82 -0.36 -12.42 -14.58
C ILE A 82 0.08 -12.37 -13.12
N PHE A 83 -0.87 -12.03 -12.24
CA PHE A 83 -0.70 -11.94 -10.78
C PHE A 83 -1.37 -13.12 -10.07
N ASP A 84 -0.95 -13.37 -8.84
CA ASP A 84 -1.78 -14.10 -7.84
C ASP A 84 -3.21 -13.57 -7.91
N LEU A 85 -4.16 -14.50 -7.88
CA LEU A 85 -5.61 -14.23 -7.70
C LEU A 85 -5.86 -13.99 -6.21
N VAL A 86 -6.19 -12.75 -5.85
CA VAL A 86 -6.49 -12.33 -4.45
C VAL A 86 -7.89 -11.74 -4.48
N THR A 87 -8.85 -12.33 -3.80
CA THR A 87 -10.29 -12.07 -4.06
C THR A 87 -10.92 -11.45 -2.83
N GLY A 88 -10.15 -11.17 -1.78
CA GLY A 88 -10.68 -10.55 -0.55
C GLY A 88 -10.98 -9.06 -0.69
N GLY A 89 -10.62 -8.44 -1.80
CA GLY A 89 -10.83 -6.99 -2.02
C GLY A 89 -9.80 -6.18 -1.26
N GLU A 90 -9.89 -4.86 -1.28
CA GLU A 90 -8.83 -3.99 -0.71
C GLU A 90 -9.03 -3.91 0.80
N LEU A 91 -7.94 -3.73 1.54
CA LEU A 91 -8.00 -3.41 2.99
C LEU A 91 -8.95 -2.23 3.19
N PHE A 92 -8.88 -1.24 2.32
CA PHE A 92 -9.67 0.01 2.48
C PHE A 92 -11.15 -0.35 2.65
N GLU A 93 -11.70 -1.17 1.75
CA GLU A 93 -13.14 -1.51 1.74
C GLU A 93 -13.50 -2.20 3.07
N ASP A 94 -12.63 -3.06 3.57
CA ASP A 94 -12.94 -3.87 4.75
C ASP A 94 -12.91 -3.00 6.00
N ILE A 95 -12.05 -1.99 6.04
CA ILE A 95 -12.01 -1.05 7.18
C ILE A 95 -13.32 -0.26 7.22
N VAL A 96 -13.78 0.18 6.05
CA VAL A 96 -15.08 0.91 5.97
C VAL A 96 -16.21 -0.03 6.39
N ALA A 97 -16.21 -1.29 5.94
CA ALA A 97 -17.28 -2.27 6.28
C ALA A 97 -17.28 -2.56 7.79
N ARG A 98 -16.13 -2.75 8.43
CA ARG A 98 -16.02 -3.08 9.89
C ARG A 98 -15.97 -1.80 10.76
N GLU A 99 -15.84 -0.62 10.15
CA GLU A 99 -15.62 0.71 10.78
C GLU A 99 -14.15 0.86 11.22
N TYR A 100 -13.64 -0.11 11.99
CA TYR A 100 -12.24 -0.15 12.48
C TYR A 100 -11.90 -1.61 12.80
N TYR A 101 -10.63 -1.93 12.99
CA TYR A 101 -10.16 -3.27 13.42
C TYR A 101 -9.88 -3.27 14.92
N SER A 102 -10.18 -4.38 15.60
CA SER A 102 -9.63 -4.76 16.93
C SER A 102 -8.11 -4.68 16.86
N GLU A 103 -7.48 -4.45 18.00
CA GLU A 103 -6.01 -4.39 18.13
C GLU A 103 -5.43 -5.74 17.66
N ALA A 104 -6.09 -6.86 17.98
CA ALA A 104 -5.61 -8.20 17.58
C ALA A 104 -5.57 -8.26 16.03
N ASP A 105 -6.61 -7.78 15.36
CA ASP A 105 -6.72 -7.88 13.87
C ASP A 105 -5.79 -6.83 13.24
N ALA A 106 -5.65 -5.65 13.83
CA ALA A 106 -4.82 -4.54 13.28
C ALA A 106 -3.35 -4.91 13.39
N SER A 107 -2.98 -5.48 14.53
CA SER A 107 -1.61 -5.97 14.84
C SER A 107 -1.19 -7.04 13.83
N HIS A 108 -2.04 -8.05 13.59
CA HIS A 108 -1.73 -9.16 12.62
C HIS A 108 -1.60 -8.57 11.22
N CYS A 109 -2.44 -7.57 10.91
CA CYS A 109 -2.43 -6.89 9.60
C CYS A 109 -1.10 -6.12 9.45
N ILE A 110 -0.75 -5.31 10.42
CA ILE A 110 0.41 -4.38 10.27
C ILE A 110 1.72 -5.19 10.31
N GLN A 111 1.75 -6.30 11.04
CA GLN A 111 2.90 -7.24 11.12
C GLN A 111 3.25 -7.78 9.72
N GLN A 112 2.25 -8.20 8.94
CA GLN A 112 2.41 -8.70 7.55
C GLN A 112 2.89 -7.56 6.64
N ILE A 113 2.30 -6.37 6.76
CA ILE A 113 2.68 -5.17 5.98
C ILE A 113 4.17 -4.90 6.26
N LEU A 114 4.56 -4.99 7.53
CA LEU A 114 5.95 -4.66 7.98
C LEU A 114 6.92 -5.69 7.40
N GLU A 115 6.57 -6.97 7.37
CA GLU A 115 7.44 -8.03 6.79
C GLU A 115 7.64 -7.71 5.31
N ALA A 116 6.54 -7.40 4.61
CA ALA A 116 6.55 -7.02 3.18
C ALA A 116 7.43 -5.79 2.97
N VAL A 117 7.24 -4.76 3.80
CA VAL A 117 8.04 -3.50 3.64
C VAL A 117 9.50 -3.83 3.95
N LEU A 118 9.75 -4.66 4.95
CA LEU A 118 11.14 -5.00 5.32
C LEU A 118 11.82 -5.65 4.12
N HIS A 119 11.14 -6.61 3.49
CA HIS A 119 11.64 -7.34 2.30
C HIS A 119 11.89 -6.33 1.17
N CYS A 120 10.91 -5.46 0.87
CA CYS A 120 11.11 -4.39 -0.14
C CYS A 120 12.40 -3.64 0.19
N HIS A 121 12.57 -3.18 1.44
CA HIS A 121 13.73 -2.33 1.88
C HIS A 121 15.05 -3.08 1.80
N GLN A 122 15.09 -4.35 2.19
CA GLN A 122 16.30 -5.22 2.04
C GLN A 122 16.64 -5.43 0.56
N MET A 123 15.67 -5.52 -0.34
CA MET A 123 15.91 -5.66 -1.80
C MET A 123 16.27 -4.31 -2.42
N GLY A 124 16.20 -3.21 -1.69
CA GLY A 124 16.54 -1.88 -2.25
C GLY A 124 15.36 -1.26 -3.02
N VAL A 125 14.13 -1.61 -2.66
CA VAL A 125 12.87 -1.11 -3.28
C VAL A 125 12.05 -0.38 -2.21
N VAL A 126 11.61 0.84 -2.54
CA VAL A 126 10.77 1.72 -1.68
C VAL A 126 9.47 1.92 -2.44
N HIS A 127 8.34 1.57 -1.84
CA HIS A 127 7.00 1.57 -2.48
C HIS A 127 6.59 3.02 -2.80
N ARG A 128 6.68 3.91 -1.79
CA ARG A 128 6.34 5.37 -1.86
C ARG A 128 4.82 5.61 -1.81
N ASN A 129 3.98 4.59 -1.97
CA ASN A 129 2.52 4.82 -2.16
C ASN A 129 1.71 3.78 -1.36
N LEU A 130 2.14 3.41 -0.15
CA LEU A 130 1.38 2.43 0.69
C LEU A 130 0.10 3.10 1.20
N LYS A 131 -1.00 2.35 1.17
CA LYS A 131 -2.31 2.82 1.68
C LYS A 131 -3.30 1.66 1.68
N PRO A 132 -4.37 1.72 2.48
CA PRO A 132 -5.34 0.63 2.50
C PRO A 132 -5.92 0.41 1.10
N GLU A 133 -5.97 1.48 0.28
CA GLU A 133 -6.53 1.44 -1.10
C GLU A 133 -5.78 0.40 -1.97
N ASN A 134 -4.51 0.04 -1.69
CA ASN A 134 -3.79 -0.89 -2.60
C ASN A 134 -3.18 -2.05 -1.80
N LEU A 135 -3.66 -2.31 -0.59
CA LEU A 135 -3.33 -3.52 0.19
C LEU A 135 -4.50 -4.48 0.00
N LEU A 136 -4.22 -5.70 -0.47
CA LEU A 136 -5.26 -6.69 -0.87
C LEU A 136 -5.35 -7.76 0.21
N LEU A 137 -6.58 -8.19 0.54
CA LEU A 137 -6.88 -9.24 1.55
C LEU A 137 -7.18 -10.57 0.83
N ALA A 138 -6.73 -11.68 1.42
CA ALA A 138 -6.99 -13.05 0.90
C ALA A 138 -8.50 -13.34 0.95
N SER A 139 -9.24 -12.77 1.91
CA SER A 139 -10.68 -13.04 2.15
C SER A 139 -11.26 -11.96 3.04
N LYS A 140 -12.59 -11.98 3.25
CA LYS A 140 -13.30 -11.07 4.19
C LYS A 140 -13.26 -11.61 5.65
N LEU A 141 -12.59 -12.74 5.91
CA LEU A 141 -12.55 -13.38 7.26
C LEU A 141 -11.54 -12.63 8.14
N LYS A 142 -11.81 -12.51 9.44
CA LYS A 142 -10.89 -11.87 10.42
C LYS A 142 -9.56 -12.60 10.39
N GLY A 143 -8.44 -11.87 10.41
CA GLY A 143 -7.09 -12.45 10.43
C GLY A 143 -6.58 -12.83 9.05
N ALA A 144 -7.36 -12.59 7.99
CA ALA A 144 -6.99 -12.83 6.59
C ALA A 144 -5.60 -12.21 6.28
N ALA A 145 -4.81 -12.94 5.49
CA ALA A 145 -3.48 -12.53 4.99
C ALA A 145 -3.63 -11.29 4.10
N VAL A 146 -2.70 -10.35 4.24
CA VAL A 146 -2.70 -9.07 3.48
C VAL A 146 -1.49 -9.12 2.53
N LYS A 147 -1.60 -8.54 1.34
CA LYS A 147 -0.48 -8.43 0.37
C LYS A 147 -0.35 -7.01 -0.18
N LEU A 148 0.89 -6.53 -0.32
CA LEU A 148 1.18 -5.23 -0.98
C LEU A 148 0.93 -5.42 -2.47
N ALA A 149 0.36 -4.39 -3.08
CA ALA A 149 0.14 -4.34 -4.53
C ALA A 149 0.57 -2.97 -5.06
N ASP A 150 0.60 -2.83 -6.40
CA ASP A 150 0.78 -1.57 -7.17
C ASP A 150 2.15 -0.95 -6.90
N PHE A 151 3.15 -1.55 -7.51
CA PHE A 151 4.54 -1.06 -7.48
C PHE A 151 4.79 -0.02 -8.59
N GLY A 152 3.74 0.66 -9.09
CA GLY A 152 3.85 1.62 -10.22
C GLY A 152 4.61 2.88 -9.86
N LEU A 153 4.73 3.22 -8.57
CA LEU A 153 5.48 4.42 -8.11
C LEU A 153 6.74 4.02 -7.35
N ALA A 154 7.08 2.72 -7.32
CA ALA A 154 8.20 2.23 -6.51
C ALA A 154 9.51 2.76 -7.09
N ILE A 155 10.52 2.95 -6.25
CA ILE A 155 11.88 3.33 -6.69
C ILE A 155 12.90 2.31 -6.16
N GLU A 156 14.09 2.35 -6.73
CA GLU A 156 15.27 1.58 -6.25
C GLU A 156 16.27 2.58 -5.68
N VAL A 157 16.77 2.28 -4.50
CA VAL A 157 17.74 3.09 -3.71
C VAL A 157 19.06 2.31 -3.68
N GLU A 158 20.20 2.99 -3.56
CA GLU A 158 21.54 2.37 -3.35
C GLU A 158 21.84 2.37 -1.84
N GLY A 159 21.81 1.20 -1.21
CA GLY A 159 22.08 1.04 0.23
C GLY A 159 21.15 1.92 1.05
N GLU A 160 21.70 2.67 2.01
CA GLU A 160 20.91 3.62 2.83
C GLU A 160 21.08 5.03 2.27
N GLN A 161 21.59 5.21 1.06
CA GLN A 161 21.75 6.56 0.43
C GLN A 161 20.36 7.14 0.12
N GLN A 162 20.16 8.41 0.48
CA GLN A 162 18.91 9.18 0.24
C GLN A 162 19.10 9.99 -1.03
N ALA A 163 18.02 10.32 -1.75
CA ALA A 163 18.08 11.27 -2.88
C ALA A 163 16.67 11.84 -3.13
N TRP A 164 16.59 12.91 -3.91
CA TRP A 164 15.25 13.43 -4.31
C TRP A 164 14.75 12.59 -5.49
N PHE A 165 13.77 11.73 -5.24
CA PHE A 165 13.23 10.77 -6.25
C PHE A 165 11.95 11.32 -6.87
N GLY A 166 11.60 12.57 -6.55
CA GLY A 166 10.44 13.25 -7.15
C GLY A 166 9.27 13.30 -6.19
N PHE A 167 8.27 14.12 -6.52
CA PHE A 167 7.05 14.32 -5.71
C PHE A 167 6.00 13.31 -6.21
N ALA A 168 5.75 12.26 -5.43
CA ALA A 168 4.79 11.20 -5.80
C ALA A 168 4.29 10.47 -4.55
N GLY A 169 3.16 9.79 -4.69
CA GLY A 169 2.42 9.11 -3.62
C GLY A 169 1.00 9.65 -3.56
N THR A 170 0.37 9.54 -2.41
CA THR A 170 -1.04 9.92 -2.18
C THR A 170 -1.11 10.94 -1.05
N PRO A 171 -1.76 12.12 -1.28
CA PRO A 171 -1.71 13.24 -0.35
C PRO A 171 -1.78 12.89 1.15
N GLY A 172 -2.82 12.16 1.58
CA GLY A 172 -3.05 11.88 3.02
C GLY A 172 -1.99 10.97 3.64
N TYR A 173 -1.16 10.31 2.82
CA TYR A 173 -0.15 9.30 3.24
C TYR A 173 1.27 9.82 3.03
N LEU A 174 1.42 11.02 2.47
CA LEU A 174 2.74 11.58 2.11
C LEU A 174 3.56 11.84 3.38
N SER A 175 4.87 11.59 3.29
CA SER A 175 5.84 11.88 4.39
C SER A 175 6.18 13.37 4.41
N PRO A 176 6.50 13.91 5.61
CA PRO A 176 6.98 15.28 5.71
C PRO A 176 8.22 15.55 4.84
N GLU A 177 9.13 14.58 4.69
CA GLU A 177 10.40 14.81 3.92
C GLU A 177 10.09 15.02 2.45
N VAL A 178 9.12 14.29 1.91
CA VAL A 178 8.62 14.46 0.52
C VAL A 178 7.93 15.83 0.39
N LEU A 179 7.11 16.23 1.35
CA LEU A 179 6.41 17.53 1.29
C LEU A 179 7.42 18.69 1.39
N ARG A 180 8.53 18.51 2.10
CA ARG A 180 9.64 19.49 2.18
C ARG A 180 10.51 19.50 0.91
N LYS A 181 10.39 18.49 0.04
CA LYS A 181 11.27 18.30 -1.13
C LYS A 181 12.69 17.99 -0.66
N ASP A 182 12.86 17.30 0.48
CA ASP A 182 14.19 16.82 0.95
C ASP A 182 14.56 15.50 0.28
N PRO A 183 15.87 15.19 0.12
CA PRO A 183 16.30 13.84 -0.24
C PRO A 183 15.63 12.84 0.74
N TYR A 184 15.22 11.68 0.26
CA TYR A 184 14.42 10.70 1.06
C TYR A 184 14.78 9.28 0.64
N GLY A 185 14.24 8.32 1.38
CA GLY A 185 14.48 6.90 1.08
C GLY A 185 13.44 6.03 1.74
N LYS A 186 13.90 4.92 2.30
CA LYS A 186 13.06 3.88 2.95
C LYS A 186 12.07 4.44 3.98
N PRO A 187 12.44 5.35 4.91
CA PRO A 187 11.50 5.79 5.94
C PRO A 187 10.13 6.33 5.47
N VAL A 188 9.99 6.74 4.21
CA VAL A 188 8.68 7.29 3.73
C VAL A 188 7.64 6.18 3.87
N ASP A 189 8.03 4.94 3.63
CA ASP A 189 7.12 3.77 3.76
C ASP A 189 6.64 3.62 5.21
N LEU A 190 7.48 3.93 6.22
CA LEU A 190 7.09 3.71 7.65
C LEU A 190 6.16 4.84 8.09
N TRP A 191 6.29 6.03 7.50
CA TRP A 191 5.30 7.10 7.75
C TRP A 191 3.92 6.62 7.29
N ALA A 192 3.87 6.11 6.06
CA ALA A 192 2.64 5.55 5.45
C ALA A 192 2.09 4.44 6.37
N CYS A 193 2.95 3.61 6.96
CA CYS A 193 2.53 2.53 7.89
C CYS A 193 1.86 3.13 9.15
N GLY A 194 2.37 4.27 9.62
CA GLY A 194 1.79 5.00 10.77
C GLY A 194 0.37 5.46 10.46
N VAL A 195 0.20 6.01 9.27
CA VAL A 195 -1.12 6.50 8.79
C VAL A 195 -2.03 5.29 8.69
N ILE A 196 -1.54 4.20 8.10
CA ILE A 196 -2.37 2.97 7.89
C ILE A 196 -2.77 2.43 9.27
N LEU A 197 -1.86 2.46 10.23
CA LEU A 197 -2.12 1.86 11.56
C LEU A 197 -3.19 2.70 12.27
N TYR A 198 -3.10 4.02 12.18
CA TYR A 198 -4.06 4.94 12.84
C TYR A 198 -5.45 4.66 12.26
N ILE A 199 -5.55 4.56 10.94
CA ILE A 199 -6.82 4.28 10.22
C ILE A 199 -7.37 2.94 10.71
N LEU A 200 -6.53 1.92 10.73
CA LEU A 200 -6.94 0.58 11.19
C LEU A 200 -7.64 0.66 12.57
N LEU A 201 -7.12 1.46 13.50
CA LEU A 201 -7.56 1.31 14.91
C LEU A 201 -8.88 2.07 15.14
N VAL A 202 -9.19 3.12 14.38
CA VAL A 202 -10.40 3.97 14.65
C VAL A 202 -11.15 4.32 13.35
N GLY A 203 -10.60 4.09 12.16
CA GLY A 203 -11.38 4.15 10.92
C GLY A 203 -11.43 5.53 10.34
N TYR A 204 -10.57 6.43 10.77
CA TYR A 204 -10.40 7.75 10.10
C TYR A 204 -8.93 8.09 10.14
N PRO A 205 -8.46 8.98 9.23
CA PRO A 205 -7.03 9.25 9.10
C PRO A 205 -6.55 10.24 10.15
N PRO A 206 -5.25 10.26 10.49
CA PRO A 206 -4.70 11.23 11.44
C PRO A 206 -4.60 12.65 10.86
N PHE A 207 -4.36 12.75 9.54
CA PHE A 207 -4.17 14.05 8.84
C PHE A 207 -5.25 14.22 7.77
N TRP A 208 -5.97 15.33 7.83
CA TRP A 208 -6.96 15.67 6.78
C TRP A 208 -7.40 17.12 6.87
N ASP A 209 -7.50 17.74 5.71
CA ASP A 209 -8.17 19.04 5.47
C ASP A 209 -8.58 19.04 3.98
N GLU A 210 -9.79 19.50 3.68
CA GLU A 210 -10.29 19.65 2.29
C GLU A 210 -9.42 20.64 1.51
N ASP A 211 -8.63 21.45 2.21
CA ASP A 211 -7.62 22.34 1.59
C ASP A 211 -6.28 21.58 1.59
N GLN A 212 -5.77 21.22 0.43
CA GLN A 212 -4.57 20.37 0.31
C GLN A 212 -3.38 21.06 0.98
N HIS A 213 -3.23 22.38 0.83
CA HIS A 213 -2.14 23.15 1.46
C HIS A 213 -2.15 22.91 2.98
N ARG A 214 -3.33 22.98 3.58
CA ARG A 214 -3.52 22.86 5.05
C ARG A 214 -3.33 21.38 5.43
N LEU A 215 -3.79 20.44 4.58
CA LEU A 215 -3.50 19.00 4.77
C LEU A 215 -1.97 18.83 4.86
N TYR A 216 -1.23 19.43 3.93
CA TYR A 216 0.26 19.30 3.81
C TYR A 216 0.94 19.95 5.03
N LYS A 217 0.45 21.11 5.50
CA LYS A 217 0.94 21.78 6.73
C LYS A 217 0.71 20.86 7.93
N GLN A 218 -0.43 20.16 8.01
CA GLN A 218 -0.71 19.20 9.14
C GLN A 218 0.38 18.11 9.17
N ILE A 219 0.64 17.48 8.02
CA ILE A 219 1.61 16.36 7.87
C ILE A 219 2.99 16.88 8.25
N LYS A 220 3.42 17.99 7.65
CA LYS A 220 4.79 18.54 7.87
C LYS A 220 4.98 18.87 9.35
N ALA A 221 3.91 19.18 10.07
CA ALA A 221 3.99 19.55 11.50
C ALA A 221 3.70 18.34 12.42
N GLY A 222 3.41 17.16 11.87
CA GLY A 222 3.00 15.99 12.67
C GLY A 222 1.81 16.30 13.58
N ALA A 223 0.86 17.13 13.14
CA ALA A 223 -0.32 17.57 13.92
C ALA A 223 -1.42 16.51 13.77
N TYR A 224 -1.34 15.48 14.60
CA TYR A 224 -2.42 14.48 14.77
C TYR A 224 -2.65 14.37 16.27
N ASP A 225 -3.81 13.85 16.69
CA ASP A 225 -3.96 13.44 18.10
C ASP A 225 -4.78 12.15 18.14
N PHE A 226 -5.06 11.72 19.37
CA PHE A 226 -5.80 10.50 19.74
C PHE A 226 -7.06 10.95 20.48
N PRO A 227 -8.09 11.50 19.80
CA PRO A 227 -9.28 11.99 20.48
C PRO A 227 -10.06 10.91 21.24
N SER A 228 -10.57 11.30 22.41
CA SER A 228 -11.63 10.61 23.20
C SER A 228 -12.93 10.65 22.40
N PRO A 229 -13.90 9.72 22.63
CA PRO A 229 -13.72 8.60 23.54
C PRO A 229 -13.01 7.41 22.88
N GLU A 230 -13.01 7.31 21.53
CA GLU A 230 -12.57 6.09 20.78
C GLU A 230 -11.12 5.72 21.11
N TRP A 231 -10.21 6.69 21.32
CA TRP A 231 -8.80 6.36 21.61
C TRP A 231 -8.59 6.05 23.11
N ASP A 232 -9.58 6.27 23.96
CA ASP A 232 -9.42 6.03 25.43
C ASP A 232 -9.18 4.54 25.68
N THR A 233 -9.80 3.64 24.91
CA THR A 233 -9.70 2.17 25.15
C THR A 233 -8.58 1.55 24.29
N VAL A 234 -7.83 2.34 23.51
CA VAL A 234 -6.68 1.85 22.71
C VAL A 234 -5.43 1.79 23.60
N THR A 235 -4.65 0.70 23.55
CA THR A 235 -3.50 0.49 24.45
C THR A 235 -2.45 1.57 24.22
N PRO A 236 -1.68 1.96 25.27
CA PRO A 236 -0.54 2.86 25.12
C PRO A 236 0.48 2.34 24.10
N GLU A 237 0.65 1.03 24.01
CA GLU A 237 1.65 0.45 23.08
C GLU A 237 1.20 0.69 21.63
N ALA A 238 -0.08 0.57 21.29
CA ALA A 238 -0.58 0.89 19.93
C ALA A 238 -0.20 2.34 19.61
N LYS A 239 -0.53 3.24 20.52
CA LYS A 239 -0.23 4.69 20.37
C LYS A 239 1.27 4.89 20.22
N ASP A 240 2.09 4.17 20.99
CA ASP A 240 3.56 4.38 21.01
C ASP A 240 4.12 4.00 19.64
N LEU A 241 3.61 2.91 19.05
CA LEU A 241 4.09 2.44 17.74
C LEU A 241 3.61 3.44 16.66
N ILE A 242 2.38 3.95 16.75
CA ILE A 242 1.93 5.01 15.80
C ILE A 242 2.86 6.22 15.94
N ASN A 243 3.25 6.57 17.17
CA ASN A 243 4.08 7.78 17.42
C ASN A 243 5.47 7.62 16.81
N LYS A 244 6.05 6.43 16.87
CA LYS A 244 7.45 6.18 16.38
C LYS A 244 7.47 6.11 14.85
N MET A 245 6.35 5.73 14.21
CA MET A 245 6.14 5.77 12.73
C MET A 245 5.85 7.20 12.26
N LEU A 246 5.02 7.95 13.00
CA LEU A 246 4.66 9.37 12.66
C LEU A 246 5.64 10.31 13.35
N THR A 247 6.93 9.97 13.25
CA THR A 247 8.05 10.82 13.71
C THR A 247 8.49 11.62 12.51
N ILE A 248 8.47 12.95 12.60
CA ILE A 248 8.83 13.84 11.45
C ILE A 248 10.29 13.60 11.05
N ASN A 249 11.21 13.51 12.01
CA ASN A 249 12.64 13.27 11.67
C ASN A 249 12.77 11.88 11.07
N PRO A 250 13.20 11.71 9.80
CA PRO A 250 13.20 10.39 9.17
C PRO A 250 14.26 9.43 9.74
N SER A 251 15.35 9.96 10.30
CA SER A 251 16.42 9.16 10.96
C SER A 251 15.96 8.67 12.32
N LYS A 252 15.15 9.43 13.04
CA LYS A 252 14.63 8.97 14.36
C LYS A 252 13.44 8.05 14.14
N ARG A 253 12.76 8.14 13.00
CA ARG A 253 11.54 7.32 12.73
C ARG A 253 11.93 5.84 12.78
N ILE A 254 11.09 5.03 13.39
CA ILE A 254 11.27 3.56 13.49
C ILE A 254 11.38 2.97 12.07
N THR A 255 12.22 1.95 11.91
CA THR A 255 12.42 1.17 10.66
C THR A 255 11.44 -0.02 10.65
N ALA A 256 11.28 -0.72 9.52
CA ALA A 256 10.44 -1.94 9.40
C ALA A 256 10.96 -3.01 10.37
N ALA A 257 12.27 -3.28 10.34
CA ALA A 257 12.97 -4.24 11.23
C ALA A 257 12.67 -3.89 12.70
N GLU A 258 12.73 -2.61 13.07
CA GLU A 258 12.51 -2.19 14.50
C GLU A 258 11.04 -2.35 14.84
N ALA A 259 10.15 -1.91 13.97
CA ALA A 259 8.69 -2.04 14.13
C ALA A 259 8.33 -3.51 14.41
N LEU A 260 9.03 -4.47 13.80
CA LEU A 260 8.67 -5.91 13.99
C LEU A 260 9.06 -6.36 15.39
N LYS A 261 9.96 -5.65 16.05
CA LYS A 261 10.37 -5.95 17.44
C LYS A 261 9.54 -5.20 18.48
N HIS A 262 8.63 -4.31 18.08
CA HIS A 262 7.89 -3.44 19.02
C HIS A 262 6.93 -4.32 19.83
N PRO A 263 6.80 -4.12 21.15
CA PRO A 263 5.98 -5.00 22.00
C PRO A 263 4.54 -5.24 21.52
N TRP A 264 3.94 -4.23 20.86
CA TRP A 264 2.58 -4.31 20.28
C TRP A 264 2.57 -5.32 19.12
N ILE A 265 3.68 -5.51 18.43
CA ILE A 265 3.78 -6.57 17.38
C ILE A 265 4.21 -7.88 18.06
N SER A 266 5.30 -7.87 18.82
CA SER A 266 5.99 -9.13 19.24
C SER A 266 5.36 -9.80 20.47
N HIS A 267 4.74 -9.07 21.42
CA HIS A 267 4.25 -9.65 22.70
C HIS A 267 2.71 -9.65 22.73
N ARG A 268 2.11 -10.39 21.81
CA ARG A 268 0.64 -10.55 21.68
C ARG A 268 0.12 -11.31 22.89
N SER B 1 -16.35 7.68 18.53
CA SER B 1 -16.18 6.76 17.36
C SER B 1 -16.34 7.57 16.08
N LYS B 2 -15.76 7.05 14.99
CA LYS B 2 -15.91 7.53 13.59
C LYS B 2 -17.38 7.85 13.30
N ARG B 3 -18.27 6.87 13.46
CA ARG B 3 -19.70 7.03 13.03
C ARG B 3 -20.39 8.09 13.90
N MET B 4 -20.14 8.11 15.22
CA MET B 4 -20.86 9.02 16.15
C MET B 4 -20.41 10.46 15.88
N LYS B 5 -19.19 10.67 15.39
CA LYS B 5 -18.64 12.02 15.12
C LYS B 5 -18.94 12.42 13.66
N GLY B 6 -19.49 11.51 12.87
CA GLY B 6 -19.75 11.72 11.44
C GLY B 6 -18.45 11.86 10.64
N PHE B 7 -17.36 11.26 11.09
CA PHE B 7 -16.09 11.19 10.31
C PHE B 7 -16.26 10.21 9.14
N CYS B 8 -15.57 10.48 8.03
CA CYS B 8 -15.60 9.67 6.80
C CYS B 8 -14.19 9.17 6.47
N LEU B 9 -14.12 7.96 5.93
CA LEU B 9 -12.90 7.41 5.28
C LEU B 9 -13.23 7.30 3.80
N ILE B 10 -12.54 8.08 2.99
CA ILE B 10 -12.81 8.26 1.52
C ILE B 10 -11.54 7.88 0.78
N PRO B 11 -11.65 7.06 -0.29
CA PRO B 11 -10.47 6.64 -1.04
C PRO B 11 -9.84 7.83 -1.76
N GLN B 12 -8.51 7.85 -1.89
CA GLN B 12 -7.71 8.90 -2.55
C GLN B 12 -6.88 8.32 -3.70
N GLN B 13 -6.87 9.01 -4.82
CA GLN B 13 -5.93 8.69 -5.91
C GLN B 13 -4.55 9.25 -5.57
N SER B 14 -3.52 8.66 -6.18
CA SER B 14 -2.14 9.19 -6.15
C SER B 14 -2.12 10.55 -6.86
N ILE B 15 -1.10 11.35 -6.54
CA ILE B 15 -0.80 12.70 -7.11
C ILE B 15 -0.78 12.60 -8.64
N ASN B 16 -0.25 11.48 -9.10
CA ASN B 16 0.16 11.20 -10.50
C ASN B 16 -1.07 10.58 -11.21
N GLU B 17 -2.25 11.20 -11.04
CA GLU B 17 -3.63 10.66 -11.25
C GLU B 17 -3.59 9.14 -11.43
#